data_7UGM
#
_entry.id   7UGM
#
_cell.length_a   53.254
_cell.length_b   70.835
_cell.length_c   134.846
_cell.angle_alpha   90
_cell.angle_beta   90
_cell.angle_gamma   90
#
_symmetry.space_group_name_H-M   'P 21 21 21'
#
loop_
_entity.id
_entity.type
_entity.pdbx_description
1 polymer 'BG24-iGL CDR3mat Fab heavy chain'
2 polymer 'BG24-iGL CDR3mat Fab light chain'
3 water water
#
loop_
_entity_poly.entity_id
_entity_poly.type
_entity_poly.pdbx_seq_one_letter_code
_entity_poly.pdbx_strand_id
1 'polypeptide(L)'
;QVQLVQSGAEVKKPGASVKVSCKASGYTFTGYYMHWVRQAPGQGLEWMGWINPNSGGTNYAQKFQGRVTMTRDTSISTAY
MELSRLRSDDTAVYYCATQVKLDSSAGYPFDIWGQGTMVTVSSASTKGPSVFPLAPSSKSTSGGTAALGCLVKDYFPEPV
TVSWNSGALTSGVHTFPAVLQSSGLYSLSSVVTVPSSSLGTQTYICNVNHKPSNTKVDKKVEPKS
;
H
2 'polypeptide(L)'
;QSALTQPRSVSGSPGQSVTISCTGTSSDVGGYNYVSWYQQHPGKAPKLMIYDVSKRPSGVPDRFSGSKSGNTASLTISGL
QAEDEADYYCSAFEYFGGGTKLTVLSQPKAAPSVTLFPPSSEELQANKATLVCLISDFYPGAVTVAWKADSSPVKAGVET
TTPSKQSNNKYAASSYLSLTPEQWKSHKSYSCQVTHEGSTVEKTVAPTE
;
L
#
# COMPACT_ATOMS: atom_id res chain seq x y z
N GLN A 1 0.28 -1.40 -33.30
CA GLN A 1 0.17 -1.01 -31.91
C GLN A 1 1.56 -1.04 -31.26
N VAL A 2 2.01 0.13 -30.85
CA VAL A 2 3.29 0.25 -30.14
C VAL A 2 3.10 -0.34 -28.76
N GLN A 3 3.86 -1.39 -28.43
CA GLN A 3 3.58 -2.07 -27.18
C GLN A 3 4.81 -2.80 -26.65
N LEU A 4 4.78 -3.05 -25.35
CA LEU A 4 5.80 -3.80 -24.63
C LEU A 4 5.10 -4.89 -23.86
N VAL A 5 5.60 -6.12 -23.97
CA VAL A 5 4.99 -7.28 -23.32
C VAL A 5 6.02 -7.90 -22.40
N GLN A 6 5.67 -8.08 -21.14
CA GLN A 6 6.59 -8.60 -20.15
C GLN A 6 6.31 -10.05 -19.80
N SER A 7 7.32 -10.71 -19.24
CA SER A 7 7.16 -12.05 -18.73
C SER A 7 6.27 -12.05 -17.49
N GLY A 8 5.79 -13.25 -17.15
CA GLY A 8 4.82 -13.41 -16.07
C GLY A 8 5.44 -13.31 -14.68
N ALA A 9 4.56 -13.33 -13.70
CA ALA A 9 4.96 -13.09 -12.32
C ALA A 9 5.90 -14.18 -11.81
N GLU A 10 6.74 -13.79 -10.85
CA GLU A 10 7.80 -14.64 -10.33
C GLU A 10 7.75 -14.66 -8.81
N VAL A 11 8.18 -15.79 -8.26
CA VAL A 11 8.35 -15.96 -6.82
C VAL A 11 9.77 -16.44 -6.57
N LYS A 12 10.48 -15.77 -5.66
CA LYS A 12 11.88 -16.03 -5.42
C LYS A 12 12.16 -15.99 -3.93
N LYS A 13 13.25 -16.59 -3.55
CA LYS A 13 13.74 -16.51 -2.19
C LYS A 13 14.82 -15.43 -2.09
N PRO A 14 14.98 -14.82 -0.91
CA PRO A 14 16.06 -13.86 -0.73
C PRO A 14 17.40 -14.48 -1.09
N GLY A 15 18.25 -13.67 -1.71
CA GLY A 15 19.54 -14.13 -2.17
C GLY A 15 19.56 -14.65 -3.59
N ALA A 16 18.39 -14.99 -4.14
CA ALA A 16 18.31 -15.47 -5.50
C ALA A 16 18.33 -14.29 -6.46
N SER A 17 18.17 -14.60 -7.73
CA SER A 17 18.05 -13.60 -8.78
C SER A 17 16.78 -13.83 -9.58
N VAL A 18 16.33 -12.76 -10.23
CA VAL A 18 15.16 -12.80 -11.10
C VAL A 18 15.52 -12.12 -12.41
N LYS A 19 15.03 -12.65 -13.52
CA LYS A 19 15.25 -12.04 -14.83
C LYS A 19 13.92 -11.83 -15.52
N VAL A 20 13.57 -10.58 -15.77
CA VAL A 20 12.29 -10.21 -16.36
C VAL A 20 12.54 -9.80 -17.80
N SER A 21 11.71 -10.24 -18.73
CA SER A 21 11.83 -9.86 -20.12
C SER A 21 10.76 -8.86 -20.50
N CYS A 22 11.05 -8.13 -21.58
CA CYS A 22 10.19 -7.08 -22.08
C CYS A 22 10.37 -7.07 -23.59
N LYS A 23 9.38 -7.54 -24.32
CA LYS A 23 9.47 -7.66 -25.78
C LYS A 23 8.71 -6.51 -26.42
N ALA A 24 9.39 -5.79 -27.31
CA ALA A 24 8.82 -4.65 -28.01
C ALA A 24 8.20 -5.09 -29.32
N SER A 25 7.08 -4.46 -29.68
CA SER A 25 6.52 -4.66 -31.01
C SER A 25 5.82 -3.39 -31.45
N GLY A 26 5.62 -3.27 -32.76
CA GLY A 26 4.90 -2.13 -33.29
C GLY A 26 5.72 -0.87 -33.40
N TYR A 27 7.00 -0.92 -33.06
CA TYR A 27 7.92 0.19 -33.23
C TYR A 27 9.31 -0.43 -33.33
N THR A 28 10.27 0.37 -33.75
CA THR A 28 11.63 -0.14 -33.91
C THR A 28 12.33 -0.08 -32.56
N PHE A 29 12.48 -1.25 -31.94
CA PHE A 29 13.04 -1.36 -30.60
C PHE A 29 14.38 -0.63 -30.47
N THR A 30 15.25 -0.79 -31.47
CA THR A 30 16.56 -0.18 -31.41
C THR A 30 16.55 1.33 -31.66
N GLY A 31 15.41 1.94 -31.96
CA GLY A 31 15.40 3.38 -32.08
C GLY A 31 15.25 4.17 -30.79
N TYR A 32 15.09 3.50 -29.66
CA TYR A 32 14.64 4.16 -28.44
C TYR A 32 15.30 3.49 -27.26
N TYR A 33 15.48 4.23 -26.18
CA TYR A 33 15.99 3.61 -24.97
C TYR A 33 14.97 2.61 -24.44
N MET A 34 15.36 1.84 -23.44
CA MET A 34 14.42 1.10 -22.62
C MET A 34 14.73 1.36 -21.16
N HIS A 35 13.72 1.74 -20.39
CA HIS A 35 13.89 1.98 -18.97
C HIS A 35 13.15 0.92 -18.18
N TRP A 36 13.53 0.81 -16.93
CA TRP A 36 12.82 -0.01 -15.97
C TRP A 36 12.46 0.82 -14.76
N VAL A 37 11.25 0.57 -14.25
CA VAL A 37 10.68 1.30 -13.13
C VAL A 37 10.01 0.27 -12.23
N ARG A 38 10.20 0.36 -10.93
CA ARG A 38 9.49 -0.59 -10.09
C ARG A 38 8.57 0.11 -9.11
N GLN A 39 7.67 -0.68 -8.53
CA GLN A 39 6.66 -0.16 -7.63
C GLN A 39 6.38 -1.24 -6.58
N ALA A 40 6.82 -0.99 -5.35
CA ALA A 40 6.51 -1.92 -4.27
C ALA A 40 5.01 -1.83 -3.94
N PRO A 41 4.43 -2.90 -3.39
CA PRO A 41 2.97 -2.91 -3.15
C PRO A 41 2.53 -1.77 -2.25
N GLY A 42 1.54 -1.02 -2.71
CA GLY A 42 1.05 0.14 -2.00
C GLY A 42 1.94 1.37 -2.07
N GLN A 43 3.06 1.32 -2.78
CA GLN A 43 4.03 2.40 -2.79
C GLN A 43 4.08 3.05 -4.16
N GLY A 44 5.02 3.98 -4.33
CA GLY A 44 5.12 4.75 -5.55
C GLY A 44 6.08 4.14 -6.55
N LEU A 45 6.24 4.87 -7.65
CA LEU A 45 7.13 4.47 -8.73
C LEU A 45 8.56 4.88 -8.44
N GLU A 46 9.51 4.03 -8.84
CA GLU A 46 10.93 4.35 -8.69
C GLU A 46 11.68 3.90 -9.93
N TRP A 47 12.38 4.82 -10.57
CA TRP A 47 13.18 4.49 -11.75
C TRP A 47 14.42 3.67 -11.37
N MET A 48 14.69 2.64 -12.16
CA MET A 48 15.82 1.75 -11.88
C MET A 48 17.00 1.99 -12.80
N GLY A 49 16.74 2.37 -14.05
CA GLY A 49 17.82 2.56 -14.98
C GLY A 49 17.34 2.44 -16.40
N TRP A 50 18.26 2.69 -17.32
CA TRP A 50 18.01 2.52 -18.74
C TRP A 50 19.09 1.71 -19.40
N ILE A 51 18.74 1.16 -20.56
CA ILE A 51 19.67 0.58 -21.51
C ILE A 51 19.44 1.23 -22.87
N ASN A 52 20.53 1.48 -23.57
CA ASN A 52 20.47 1.89 -24.96
C ASN A 52 20.54 0.61 -25.79
N PRO A 53 19.47 0.21 -26.47
CA PRO A 53 19.54 -1.08 -27.20
C PRO A 53 20.46 -1.07 -28.38
N ASN A 54 20.92 0.08 -28.86
CA ASN A 54 21.85 0.07 -29.96
C ASN A 54 23.28 -0.16 -29.48
N SER A 55 23.69 0.56 -28.43
CA SER A 55 25.06 0.47 -27.94
C SER A 55 25.22 -0.57 -26.84
N GLY A 56 24.14 -0.94 -26.18
CA GLY A 56 24.21 -1.78 -25.00
C GLY A 56 24.62 -1.03 -23.75
N GLY A 57 24.88 0.27 -23.87
CA GLY A 57 25.20 1.07 -22.70
C GLY A 57 24.02 1.16 -21.74
N THR A 58 24.34 1.31 -20.45
CA THR A 58 23.34 1.35 -19.39
C THR A 58 23.66 2.46 -18.41
N ASN A 59 22.66 2.82 -17.62
CA ASN A 59 22.86 3.71 -16.49
C ASN A 59 21.82 3.32 -15.45
N TYR A 60 22.27 3.08 -14.23
CA TYR A 60 21.40 2.56 -13.19
C TYR A 60 21.28 3.55 -12.04
N ALA A 61 20.12 3.55 -11.40
CA ALA A 61 19.97 4.30 -10.17
C ALA A 61 20.91 3.74 -9.10
N GLN A 62 21.37 4.62 -8.23
CA GLN A 62 22.35 4.23 -7.22
C GLN A 62 21.85 3.07 -6.37
N LYS A 63 20.55 3.04 -6.06
CA LYS A 63 19.98 1.99 -5.21
C LYS A 63 20.21 0.59 -5.76
N PHE A 64 20.31 0.45 -7.08
CA PHE A 64 20.38 -0.87 -7.70
C PHE A 64 21.75 -1.22 -8.22
N GLN A 65 22.71 -0.32 -8.06
CA GLN A 65 24.06 -0.59 -8.55
C GLN A 65 24.63 -1.83 -7.87
N GLY A 66 25.32 -2.64 -8.66
CA GLY A 66 25.88 -3.88 -8.19
C GLY A 66 24.93 -5.05 -8.20
N ARG A 67 23.63 -4.80 -8.42
CA ARG A 67 22.64 -5.88 -8.33
C ARG A 67 21.80 -5.99 -9.58
N VAL A 68 21.64 -4.90 -10.33
CA VAL A 68 20.82 -4.92 -11.54
C VAL A 68 21.72 -5.03 -12.76
N THR A 69 21.35 -5.90 -13.71
CA THR A 69 21.96 -5.99 -15.02
C THR A 69 20.86 -5.85 -16.05
N MET A 70 20.93 -4.80 -16.87
CA MET A 70 20.02 -4.67 -17.98
C MET A 70 20.72 -5.10 -19.25
N THR A 71 20.04 -5.90 -20.07
CA THR A 71 20.60 -6.37 -21.32
C THR A 71 19.53 -6.28 -22.39
N ARG A 72 19.90 -6.60 -23.62
CA ARG A 72 18.91 -6.69 -24.69
C ARG A 72 19.38 -7.69 -25.72
N ASP A 73 18.42 -8.23 -26.46
CA ASP A 73 18.62 -9.10 -27.62
C ASP A 73 17.86 -8.41 -28.74
N THR A 74 18.61 -7.73 -29.62
CA THR A 74 17.96 -6.97 -30.68
C THR A 74 17.35 -7.87 -31.73
N SER A 75 17.86 -9.10 -31.86
CA SER A 75 17.29 -10.03 -32.84
C SER A 75 15.83 -10.36 -32.54
N ILE A 76 15.42 -10.28 -31.28
CA ILE A 76 14.04 -10.56 -30.89
C ILE A 76 13.40 -9.36 -30.20
N SER A 77 14.01 -8.18 -30.35
CA SER A 77 13.43 -6.93 -29.84
C SER A 77 13.09 -7.04 -28.36
N THR A 78 13.97 -7.64 -27.57
CA THR A 78 13.65 -7.91 -26.18
C THR A 78 14.69 -7.31 -25.26
N ALA A 79 14.24 -6.62 -24.21
CA ALA A 79 15.09 -6.12 -23.15
C ALA A 79 14.91 -7.02 -21.93
N TYR A 80 15.96 -7.14 -21.12
CA TYR A 80 15.91 -7.94 -19.90
C TYR A 80 16.41 -7.14 -18.74
N MET A 81 15.84 -7.39 -17.57
CA MET A 81 16.28 -6.77 -16.32
C MET A 81 16.52 -7.93 -15.37
N GLU A 82 17.76 -8.14 -14.95
CA GLU A 82 18.09 -9.17 -13.98
C GLU A 82 18.44 -8.47 -12.69
N LEU A 83 17.79 -8.85 -11.61
CA LEU A 83 18.08 -8.30 -10.29
C LEU A 83 18.55 -9.43 -9.41
N SER A 84 19.74 -9.27 -8.85
CA SER A 84 20.38 -10.34 -8.11
C SER A 84 20.42 -10.00 -6.62
N ARG A 85 20.85 -10.98 -5.83
CA ARG A 85 20.93 -10.83 -4.38
C ARG A 85 19.63 -10.26 -3.83
N LEU A 86 18.54 -10.90 -4.21
CA LEU A 86 17.21 -10.36 -3.95
C LEU A 86 16.98 -10.24 -2.45
N ARG A 87 16.29 -9.16 -2.08
CA ARG A 87 15.85 -8.90 -0.73
C ARG A 87 14.33 -9.01 -0.69
N SER A 88 13.78 -9.30 0.49
CA SER A 88 12.32 -9.28 0.61
C SER A 88 11.73 -7.95 0.16
N ASP A 89 12.43 -6.84 0.43
CA ASP A 89 11.93 -5.53 0.00
C ASP A 89 12.15 -5.23 -1.48
N ASP A 90 12.68 -6.18 -2.25
CA ASP A 90 12.58 -6.11 -3.72
C ASP A 90 11.23 -6.58 -4.23
N THR A 91 10.35 -7.05 -3.36
CA THR A 91 9.01 -7.44 -3.79
C THR A 91 8.32 -6.22 -4.38
N ALA A 92 7.91 -6.33 -5.65
CA ALA A 92 7.45 -5.15 -6.36
C ALA A 92 6.96 -5.58 -7.72
N VAL A 93 6.19 -4.70 -8.36
CA VAL A 93 5.94 -4.81 -9.79
C VAL A 93 7.06 -4.10 -10.51
N TYR A 94 7.62 -4.75 -11.51
CA TYR A 94 8.70 -4.22 -12.33
C TYR A 94 8.14 -3.95 -13.71
N TYR A 95 8.29 -2.73 -14.17
CA TYR A 95 7.82 -2.30 -15.48
C TYR A 95 9.00 -1.99 -16.37
N CYS A 96 8.89 -2.35 -17.63
CA CYS A 96 9.69 -1.70 -18.66
C CYS A 96 8.87 -0.58 -19.28
N ALA A 97 9.56 0.48 -19.69
CA ALA A 97 8.84 1.62 -20.23
C ALA A 97 9.78 2.41 -21.09
N THR A 98 9.24 3.13 -22.06
CA THR A 98 10.13 4.04 -22.78
C THR A 98 9.32 5.14 -23.45
N GLN A 99 10.03 6.01 -24.14
CA GLN A 99 9.42 7.15 -24.82
C GLN A 99 9.58 6.94 -26.31
N VAL A 100 8.46 6.88 -27.03
CA VAL A 100 8.44 6.60 -28.45
C VAL A 100 7.80 7.72 -29.26
N LYS A 101 6.61 8.18 -28.85
CA LYS A 101 5.78 9.00 -29.74
C LYS A 101 5.70 10.47 -29.35
N LEU A 102 6.42 10.90 -28.32
CA LEU A 102 6.20 12.22 -27.75
C LEU A 102 6.99 13.29 -28.49
N ASP A 103 6.54 14.53 -28.34
CA ASP A 103 7.27 15.70 -28.83
C ASP A 103 8.14 16.21 -27.69
N SER A 104 9.26 15.51 -27.47
CA SER A 104 10.18 15.94 -26.43
C SER A 104 11.57 15.44 -26.77
N SER A 105 12.57 16.13 -26.21
CA SER A 105 13.97 15.83 -26.44
C SER A 105 14.59 15.03 -25.31
N ALA A 106 13.90 14.87 -24.18
CA ALA A 106 14.53 14.43 -22.94
C ALA A 106 14.61 12.91 -22.77
N GLY A 107 13.81 12.13 -23.49
CA GLY A 107 13.77 10.72 -23.24
C GLY A 107 12.95 10.31 -22.02
N TYR A 108 12.56 11.27 -21.18
CA TYR A 108 11.53 11.18 -20.18
C TYR A 108 10.45 12.19 -20.55
N PRO A 109 9.18 11.94 -20.21
CA PRO A 109 8.64 10.75 -19.53
C PRO A 109 8.38 9.64 -20.52
N PHE A 110 7.67 8.61 -20.08
CA PHE A 110 7.49 7.39 -20.85
C PHE A 110 6.04 7.27 -21.27
N ASP A 111 5.80 7.22 -22.57
CA ASP A 111 4.46 6.98 -23.07
C ASP A 111 4.12 5.52 -23.27
N ILE A 112 5.11 4.63 -23.37
CA ILE A 112 4.87 3.21 -23.65
C ILE A 112 5.34 2.43 -22.43
N TRP A 113 4.47 1.58 -21.89
CA TRP A 113 4.75 0.78 -20.71
C TRP A 113 4.39 -0.67 -20.92
N GLY A 114 5.23 -1.56 -20.44
CA GLY A 114 4.84 -2.94 -20.29
C GLY A 114 3.73 -3.08 -19.28
N GLN A 115 3.18 -4.29 -19.20
CA GLN A 115 2.08 -4.51 -18.27
C GLN A 115 2.51 -4.66 -16.83
N GLY A 116 3.81 -4.80 -16.60
CA GLY A 116 4.36 -5.05 -15.29
C GLY A 116 4.51 -6.53 -15.00
N THR A 117 5.51 -6.84 -14.21
CA THR A 117 5.79 -8.19 -13.74
C THR A 117 5.92 -8.14 -12.24
N MET A 118 5.02 -8.83 -11.55
CA MET A 118 5.09 -8.94 -10.10
C MET A 118 6.17 -9.91 -9.70
N VAL A 119 7.06 -9.48 -8.82
CA VAL A 119 8.09 -10.35 -8.27
C VAL A 119 7.92 -10.35 -6.77
N THR A 120 7.68 -11.53 -6.21
CA THR A 120 7.54 -11.70 -4.77
C THR A 120 8.78 -12.37 -4.25
N VAL A 121 9.42 -11.75 -3.27
CA VAL A 121 10.62 -12.30 -2.63
C VAL A 121 10.27 -12.55 -1.18
N SER A 122 10.36 -13.81 -0.74
CA SER A 122 10.03 -14.12 0.64
C SER A 122 10.82 -15.35 1.07
N SER A 123 11.26 -15.34 2.32
CA SER A 123 11.92 -16.48 2.94
C SER A 123 10.99 -17.28 3.83
N ALA A 124 9.71 -16.94 3.87
CA ALA A 124 8.80 -17.55 4.81
C ALA A 124 8.36 -18.93 4.33
N SER A 125 8.05 -19.80 5.29
CA SER A 125 7.46 -21.08 4.98
C SER A 125 6.17 -21.22 5.77
N THR A 126 5.35 -22.18 5.34
CA THR A 126 4.02 -22.39 5.91
C THR A 126 4.08 -22.45 7.43
N LYS A 127 3.22 -21.65 8.06
CA LYS A 127 3.16 -21.59 9.51
C LYS A 127 1.76 -21.18 9.91
N GLY A 128 1.16 -21.93 10.83
CA GLY A 128 -0.16 -21.61 11.31
C GLY A 128 -0.11 -20.46 12.28
N PRO A 129 -1.24 -19.80 12.48
CA PRO A 129 -1.25 -18.59 13.32
C PRO A 129 -1.28 -18.91 14.80
N SER A 130 -0.85 -17.91 15.57
CA SER A 130 -1.08 -17.83 17.00
C SER A 130 -2.23 -16.86 17.20
N VAL A 131 -3.28 -17.26 17.90
CA VAL A 131 -4.47 -16.45 18.02
C VAL A 131 -4.57 -15.94 19.46
N PHE A 132 -4.70 -14.64 19.62
CA PHE A 132 -4.84 -14.01 20.92
C PHE A 132 -6.16 -13.27 21.00
N PRO A 133 -6.83 -13.31 22.13
CA PRO A 133 -8.08 -12.56 22.26
C PRO A 133 -7.78 -11.09 22.47
N LEU A 134 -8.64 -10.26 21.90
CA LEU A 134 -8.63 -8.82 22.13
C LEU A 134 -9.86 -8.55 22.99
N ALA A 135 -9.64 -8.48 24.30
CA ALA A 135 -10.75 -8.49 25.23
C ALA A 135 -11.48 -7.15 25.20
N PRO A 136 -12.80 -7.16 25.42
CA PRO A 136 -13.52 -5.90 25.53
C PRO A 136 -13.25 -5.25 26.87
N SER A 137 -13.35 -3.92 26.88
CA SER A 137 -13.25 -3.15 28.12
C SER A 137 -14.11 -1.91 27.97
N SER A 138 -14.15 -1.11 29.05
CA SER A 138 -14.83 0.19 28.97
C SER A 138 -14.12 1.14 28.03
N LYS A 139 -12.87 0.86 27.66
CA LYS A 139 -12.19 1.67 26.66
C LYS A 139 -12.76 1.42 25.26
N SER A 140 -12.99 0.14 24.92
CA SER A 140 -13.54 -0.23 23.63
C SER A 140 -15.07 -0.12 23.57
N THR A 141 -15.68 0.70 24.43
CA THR A 141 -17.13 0.88 24.46
C THR A 141 -17.51 2.30 24.07
N SER A 142 -18.65 2.42 23.37
CA SER A 142 -19.22 3.72 23.04
C SER A 142 -20.74 3.79 23.22
N GLY A 143 -21.50 3.51 22.17
CA GLY A 143 -22.95 3.62 22.26
C GLY A 143 -23.60 2.45 22.95
N GLY A 144 -23.13 2.14 24.16
CA GLY A 144 -23.58 0.94 24.86
C GLY A 144 -23.06 -0.30 24.16
N THR A 145 -22.07 -0.08 23.30
CA THR A 145 -21.52 -1.11 22.43
C THR A 145 -20.07 -1.33 22.83
N ALA A 146 -19.64 -2.59 22.82
CA ALA A 146 -18.28 -2.97 23.16
C ALA A 146 -17.64 -3.62 21.94
N ALA A 147 -16.36 -3.32 21.71
CA ALA A 147 -15.59 -3.95 20.65
C ALA A 147 -14.72 -5.04 21.26
N LEU A 148 -14.77 -6.23 20.67
CA LEU A 148 -13.88 -7.31 21.08
C LEU A 148 -13.37 -7.97 19.81
N GLY A 149 -12.27 -8.68 19.92
CA GLY A 149 -11.73 -9.22 18.70
C GLY A 149 -10.76 -10.35 18.91
N CYS A 150 -10.09 -10.69 17.83
CA CYS A 150 -9.04 -11.69 17.86
C CYS A 150 -7.90 -11.19 17.00
N LEU A 151 -6.69 -11.34 17.52
CA LEU A 151 -5.46 -11.07 16.80
C LEU A 151 -4.92 -12.40 16.30
N VAL A 152 -4.73 -12.50 15.00
CA VAL A 152 -4.26 -13.72 14.36
C VAL A 152 -2.84 -13.42 13.89
N LYS A 153 -1.85 -13.89 14.63
CA LYS A 153 -0.48 -13.44 14.52
C LYS A 153 0.39 -14.47 13.82
N ASP A 154 1.28 -13.98 12.95
CA ASP A 154 2.46 -14.73 12.53
C ASP A 154 2.11 -15.99 11.74
N TYR A 155 1.39 -15.84 10.65
CA TYR A 155 1.08 -16.98 9.81
C TYR A 155 1.61 -16.77 8.40
N PHE A 156 1.70 -17.88 7.67
CA PHE A 156 2.13 -17.84 6.29
C PHE A 156 1.68 -19.12 5.60
N PRO A 157 1.29 -19.07 4.33
CA PRO A 157 1.03 -17.87 3.53
C PRO A 157 -0.37 -17.37 3.81
N GLU A 158 -0.78 -16.32 3.13
CA GLU A 158 -2.17 -15.98 3.10
C GLU A 158 -2.95 -17.10 2.44
N PRO A 159 -4.25 -17.22 2.71
CA PRO A 159 -5.04 -16.34 3.56
C PRO A 159 -5.53 -16.99 4.84
N VAL A 160 -6.00 -16.12 5.74
CA VAL A 160 -6.75 -16.50 6.93
C VAL A 160 -8.14 -15.92 6.79
N THR A 161 -9.15 -16.70 7.17
CA THR A 161 -10.49 -16.15 7.30
C THR A 161 -10.95 -16.31 8.73
N VAL A 162 -11.84 -15.42 9.16
CA VAL A 162 -12.36 -15.42 10.51
C VAL A 162 -13.86 -15.29 10.45
N SER A 163 -14.56 -16.13 11.20
CA SER A 163 -15.97 -15.95 11.48
C SER A 163 -16.13 -15.82 12.99
N TRP A 164 -17.33 -15.50 13.44
CA TRP A 164 -17.63 -15.38 14.86
C TRP A 164 -18.81 -16.28 15.19
N ASN A 165 -18.69 -17.01 16.29
CA ASN A 165 -19.75 -17.90 16.77
C ASN A 165 -20.23 -18.85 15.67
N SER A 166 -19.27 -19.45 14.96
CA SER A 166 -19.54 -20.39 13.88
C SER A 166 -20.47 -19.81 12.80
N GLY A 167 -20.37 -18.50 12.57
CA GLY A 167 -21.18 -17.84 11.57
C GLY A 167 -22.51 -17.31 12.07
N ALA A 168 -22.88 -17.60 13.32
CA ALA A 168 -24.13 -17.09 13.87
C ALA A 168 -24.05 -15.58 14.09
N LEU A 169 -22.85 -15.05 14.27
CA LEU A 169 -22.64 -13.64 14.54
C LEU A 169 -22.00 -13.00 13.31
N THR A 170 -22.76 -12.20 12.59
CA THR A 170 -22.27 -11.50 11.41
C THR A 170 -22.40 -9.99 11.49
N SER A 171 -23.44 -9.48 12.16
CA SER A 171 -23.61 -8.04 12.28
C SER A 171 -22.51 -7.46 13.15
N GLY A 172 -21.91 -6.37 12.67
CA GLY A 172 -20.86 -5.71 13.41
C GLY A 172 -19.50 -6.37 13.33
N VAL A 173 -19.34 -7.38 12.47
CA VAL A 173 -18.06 -8.07 12.28
C VAL A 173 -17.24 -7.34 11.23
N HIS A 174 -15.96 -7.19 11.51
CA HIS A 174 -15.02 -6.56 10.58
C HIS A 174 -13.69 -7.29 10.70
N THR A 175 -13.35 -8.08 9.69
CA THR A 175 -12.06 -8.71 9.61
C THR A 175 -11.19 -7.91 8.65
N PHE A 176 -10.03 -7.52 9.13
CA PHE A 176 -9.16 -6.57 8.45
C PHE A 176 -8.14 -7.29 7.57
N PRO A 177 -7.80 -6.72 6.44
CA PRO A 177 -6.70 -7.29 5.64
C PRO A 177 -5.44 -7.37 6.46
N ALA A 178 -4.63 -8.38 6.14
CA ALA A 178 -3.43 -8.67 6.90
C ALA A 178 -2.33 -7.65 6.65
N VAL A 179 -1.48 -7.49 7.63
CA VAL A 179 -0.22 -6.79 7.48
C VAL A 179 0.86 -7.83 7.22
N LEU A 180 1.84 -7.46 6.41
CA LEU A 180 3.01 -8.30 6.17
C LEU A 180 4.15 -7.74 7.03
N GLN A 181 4.65 -8.57 7.92
CA GLN A 181 5.70 -8.16 8.84
C GLN A 181 7.08 -8.34 8.21
N SER A 182 8.06 -7.67 8.80
CA SER A 182 9.43 -7.79 8.29
C SER A 182 9.95 -9.22 8.41
N SER A 183 9.38 -10.03 9.31
CA SER A 183 9.69 -11.44 9.40
C SER A 183 9.24 -12.23 8.18
N GLY A 184 8.39 -11.63 7.34
CA GLY A 184 7.78 -12.35 6.24
C GLY A 184 6.49 -13.03 6.60
N LEU A 185 6.07 -12.97 7.86
CA LEU A 185 4.81 -13.53 8.28
C LEU A 185 3.74 -12.47 8.31
N TYR A 186 2.49 -12.91 8.19
CA TYR A 186 1.34 -12.03 8.20
C TYR A 186 0.66 -12.05 9.56
N SER A 187 -0.02 -10.96 9.87
CA SER A 187 -0.93 -10.91 11.00
C SER A 187 -2.18 -10.17 10.56
N LEU A 188 -3.32 -10.57 11.10
CA LEU A 188 -4.54 -9.81 10.87
C LEU A 188 -5.33 -9.78 12.15
N SER A 189 -6.38 -8.96 12.16
CA SER A 189 -7.27 -8.90 13.29
C SER A 189 -8.70 -8.91 12.79
N SER A 190 -9.59 -9.43 13.63
CA SER A 190 -11.02 -9.36 13.39
C SER A 190 -11.66 -8.79 14.65
N VAL A 191 -12.59 -7.88 14.46
CA VAL A 191 -13.25 -7.22 15.58
C VAL A 191 -14.74 -7.32 15.35
N VAL A 192 -15.48 -7.42 16.44
CA VAL A 192 -16.93 -7.40 16.39
C VAL A 192 -17.43 -6.45 17.45
N THR A 193 -18.45 -5.69 17.10
CA THR A 193 -19.07 -4.74 18.01
C THR A 193 -20.39 -5.35 18.48
N VAL A 194 -20.55 -5.48 19.79
CA VAL A 194 -21.69 -6.19 20.36
C VAL A 194 -22.30 -5.30 21.45
N PRO A 195 -23.52 -5.61 21.88
CA PRO A 195 -24.07 -4.89 23.04
C PRO A 195 -23.25 -5.17 24.28
N SER A 196 -22.84 -4.11 24.97
CA SER A 196 -22.03 -4.28 26.17
C SER A 196 -22.81 -5.02 27.27
N SER A 197 -24.13 -4.91 27.26
CA SER A 197 -24.92 -5.66 28.23
C SER A 197 -24.82 -7.16 28.02
N SER A 198 -24.56 -7.59 26.78
CA SER A 198 -24.47 -9.02 26.45
C SER A 198 -23.17 -9.66 26.93
N LEU A 199 -22.15 -8.89 27.31
CA LEU A 199 -20.93 -9.47 27.82
C LEU A 199 -21.20 -10.19 29.13
N GLY A 200 -20.61 -11.36 29.28
CA GLY A 200 -20.88 -12.21 30.44
C GLY A 200 -22.09 -13.12 30.25
N THR A 201 -23.09 -12.66 29.51
CA THR A 201 -24.22 -13.51 29.13
C THR A 201 -23.94 -14.31 27.86
N GLN A 202 -23.47 -13.65 26.81
CA GLN A 202 -23.25 -14.27 25.51
C GLN A 202 -21.78 -14.66 25.36
N THR A 203 -21.53 -15.88 24.89
CA THR A 203 -20.17 -16.31 24.62
C THR A 203 -19.76 -15.83 23.23
N TYR A 204 -18.54 -15.31 23.13
CA TYR A 204 -17.99 -14.88 21.85
C TYR A 204 -16.76 -15.71 21.53
N ILE A 205 -16.79 -16.37 20.38
CA ILE A 205 -15.70 -17.22 19.92
C ILE A 205 -15.36 -16.78 18.51
N CYS A 206 -14.10 -16.50 18.25
CA CYS A 206 -13.67 -16.26 16.88
C CYS A 206 -13.15 -17.55 16.28
N ASN A 207 -13.58 -17.85 15.07
CA ASN A 207 -13.25 -19.09 14.39
C ASN A 207 -12.27 -18.70 13.30
N VAL A 208 -11.00 -19.04 13.48
CA VAL A 208 -9.92 -18.69 12.57
C VAL A 208 -9.63 -19.90 11.70
N ASN A 209 -9.57 -19.72 10.39
CA ASN A 209 -9.27 -20.79 9.45
C ASN A 209 -8.05 -20.41 8.65
N HIS A 210 -7.01 -21.22 8.74
CA HIS A 210 -5.79 -21.09 7.94
C HIS A 210 -5.62 -22.39 7.16
N LYS A 211 -6.32 -22.47 6.04
CA LYS A 211 -6.26 -23.69 5.23
C LYS A 211 -4.85 -24.06 4.78
N PRO A 212 -3.97 -23.11 4.43
CA PRO A 212 -2.62 -23.53 4.00
C PRO A 212 -1.87 -24.38 5.01
N SER A 213 -2.14 -24.23 6.30
CA SER A 213 -1.53 -25.08 7.32
C SER A 213 -2.52 -26.10 7.89
N ASN A 214 -3.69 -26.22 7.28
CA ASN A 214 -4.71 -27.15 7.75
C ASN A 214 -5.06 -26.92 9.21
N THR A 215 -5.09 -25.65 9.61
CA THR A 215 -5.32 -25.28 11.00
C THR A 215 -6.61 -24.50 11.13
N LYS A 216 -7.38 -24.81 12.15
CA LYS A 216 -8.49 -23.98 12.58
C LYS A 216 -8.31 -23.74 14.07
N VAL A 217 -8.59 -22.53 14.52
CA VAL A 217 -8.54 -22.20 15.95
C VAL A 217 -9.84 -21.53 16.30
N ASP A 218 -10.52 -22.02 17.34
CA ASP A 218 -11.69 -21.34 17.89
C ASP A 218 -11.28 -20.75 19.22
N LYS A 219 -11.18 -19.42 19.27
CA LYS A 219 -10.65 -18.74 20.44
C LYS A 219 -11.78 -18.03 21.16
N LYS A 220 -12.01 -18.41 22.41
CA LYS A 220 -12.99 -17.72 23.26
C LYS A 220 -12.43 -16.37 23.66
N VAL A 221 -13.24 -15.34 23.55
CA VAL A 221 -12.87 -13.98 23.91
C VAL A 221 -13.80 -13.52 25.01
N GLU A 222 -13.28 -13.38 26.22
CA GLU A 222 -14.08 -12.95 27.34
C GLU A 222 -13.57 -11.63 27.90
N PRO A 223 -14.40 -10.90 28.65
CA PRO A 223 -13.95 -9.62 29.21
C PRO A 223 -12.81 -9.79 30.19
N LYS A 224 -12.09 -8.69 30.42
CA LYS A 224 -11.01 -8.70 31.40
C LYS A 224 -11.57 -8.79 32.82
N SER A 225 -10.66 -8.84 33.79
CA SER A 225 -11.05 -8.81 35.20
C SER A 225 -10.70 -7.45 35.81
N SER B 2 14.26 16.60 -8.00
CA SER B 2 14.88 15.39 -7.46
C SER B 2 14.05 14.78 -6.33
N ALA B 3 13.47 15.64 -5.49
CA ALA B 3 12.55 15.23 -4.43
C ALA B 3 11.22 15.93 -4.67
N LEU B 4 10.43 15.38 -5.58
CA LEU B 4 9.14 15.95 -5.93
C LEU B 4 8.11 15.59 -4.86
N THR B 5 7.34 16.57 -4.43
CA THR B 5 6.35 16.38 -3.36
C THR B 5 4.96 16.69 -3.90
N GLN B 6 4.04 15.77 -3.66
CA GLN B 6 2.64 15.96 -4.02
C GLN B 6 1.75 15.58 -2.85
N PRO B 7 0.52 16.10 -2.80
CA PRO B 7 -0.38 15.74 -1.70
C PRO B 7 -0.73 14.26 -1.74
N ARG B 8 -0.96 13.67 -0.58
CA ARG B 8 -1.32 12.27 -0.55
C ARG B 8 -2.71 12.02 -1.13
N SER B 9 -3.63 12.97 -0.98
CA SER B 9 -5.04 12.74 -1.28
C SER B 9 -5.61 14.04 -1.81
N VAL B 10 -6.33 13.96 -2.93
CA VAL B 10 -7.14 15.05 -3.42
C VAL B 10 -8.50 14.45 -3.78
N SER B 11 -9.55 15.25 -3.68
CA SER B 11 -10.85 14.72 -4.04
C SER B 11 -11.73 15.82 -4.60
N GLY B 12 -12.74 15.40 -5.35
CA GLY B 12 -13.74 16.31 -5.87
C GLY B 12 -14.95 15.53 -6.30
N SER B 13 -16.04 16.24 -6.50
CA SER B 13 -17.28 15.61 -6.94
C SER B 13 -17.35 15.56 -8.45
N PRO B 14 -18.14 14.64 -9.01
CA PRO B 14 -18.31 14.58 -10.45
C PRO B 14 -18.69 15.94 -11.04
N GLY B 15 -18.06 16.28 -12.15
CA GLY B 15 -18.28 17.54 -12.81
C GLY B 15 -17.43 18.68 -12.30
N GLN B 16 -16.87 18.55 -11.09
CA GLN B 16 -16.02 19.58 -10.54
C GLN B 16 -14.64 19.52 -11.17
N SER B 17 -13.84 20.54 -10.88
CA SER B 17 -12.44 20.57 -11.25
C SER B 17 -11.59 20.37 -10.00
N VAL B 18 -10.51 19.60 -10.15
CA VAL B 18 -9.56 19.40 -9.06
C VAL B 18 -8.16 19.64 -9.61
N THR B 19 -7.25 20.00 -8.72
CA THR B 19 -5.87 20.29 -9.07
C THR B 19 -4.96 19.52 -8.13
N ILE B 20 -3.93 18.91 -8.70
CA ILE B 20 -2.89 18.20 -7.95
C ILE B 20 -1.59 18.95 -8.17
N SER B 21 -0.95 19.33 -7.08
CA SER B 21 0.31 20.07 -7.13
C SER B 21 1.50 19.12 -7.01
N CYS B 22 2.63 19.59 -7.50
CA CYS B 22 3.89 18.86 -7.47
C CYS B 22 4.99 19.90 -7.26
N THR B 23 5.64 19.85 -6.11
CA THR B 23 6.64 20.85 -5.74
C THR B 23 8.02 20.21 -5.70
N GLY B 24 9.02 20.93 -6.25
CA GLY B 24 10.37 20.45 -6.38
C GLY B 24 11.40 21.48 -5.92
N THR B 25 12.54 21.47 -6.60
CA THR B 25 13.68 22.32 -6.22
C THR B 25 13.86 23.47 -7.20
N ASN B 33 10.19 22.68 -15.98
CA ASN B 33 9.81 22.76 -17.39
C ASN B 33 9.58 21.38 -17.99
N TYR B 34 10.02 20.34 -17.28
CA TYR B 34 9.91 18.97 -17.76
C TYR B 34 8.99 18.12 -16.89
N VAL B 35 8.20 18.74 -16.01
CA VAL B 35 7.33 17.97 -15.15
C VAL B 35 6.26 17.30 -16.00
N SER B 36 6.02 16.02 -15.72
CA SER B 36 5.02 15.23 -16.41
C SER B 36 4.12 14.59 -15.38
N TRP B 37 3.01 14.03 -15.84
CA TRP B 37 1.99 13.49 -14.98
C TRP B 37 1.50 12.17 -15.54
N TYR B 38 1.44 11.17 -14.67
CA TYR B 38 0.91 9.85 -14.98
C TYR B 38 -0.33 9.57 -14.16
N GLN B 39 -1.23 8.79 -14.73
CA GLN B 39 -2.40 8.26 -14.07
C GLN B 39 -2.23 6.76 -13.95
N GLN B 40 -2.59 6.18 -12.81
CA GLN B 40 -2.46 4.75 -12.63
C GLN B 40 -3.70 4.17 -11.99
N HIS B 41 -4.35 3.27 -12.69
CA HIS B 41 -5.49 2.51 -12.22
C HIS B 41 -5.03 1.17 -11.67
N PRO B 42 -5.86 0.52 -10.86
CA PRO B 42 -5.43 -0.71 -10.19
C PRO B 42 -5.07 -1.81 -11.18
N GLY B 43 -3.91 -2.43 -10.95
CA GLY B 43 -3.51 -3.55 -11.76
C GLY B 43 -2.97 -3.17 -13.12
N LYS B 44 -2.80 -1.88 -13.37
CA LYS B 44 -2.33 -1.40 -14.66
C LYS B 44 -1.06 -0.56 -14.52
N ALA B 45 -0.32 -0.51 -15.61
CA ALA B 45 0.83 0.37 -15.68
C ALA B 45 0.37 1.84 -15.65
N PRO B 46 1.25 2.73 -15.20
CA PRO B 46 1.00 4.16 -15.37
C PRO B 46 0.73 4.52 -16.82
N LYS B 47 -0.13 5.51 -17.00
CA LYS B 47 -0.50 6.06 -18.29
C LYS B 47 -0.11 7.53 -18.30
N LEU B 48 0.64 7.93 -19.32
CA LEU B 48 1.09 9.31 -19.39
C LEU B 48 -0.09 10.22 -19.77
N MET B 49 -0.34 11.23 -18.93
CA MET B 49 -1.45 12.15 -19.17
C MET B 49 -0.98 13.51 -19.66
N ILE B 50 0.11 14.02 -19.08
CA ILE B 50 0.62 15.34 -19.43
C ILE B 50 2.12 15.23 -19.43
N TYR B 51 2.79 15.89 -20.36
CA TYR B 51 4.24 15.91 -20.31
C TYR B 51 4.76 17.31 -20.60
N ASP B 52 5.97 17.57 -20.09
CA ASP B 52 6.64 18.85 -20.26
C ASP B 52 5.71 20.01 -19.91
N VAL B 53 5.17 19.92 -18.69
CA VAL B 53 4.28 20.88 -18.06
C VAL B 53 2.85 20.80 -18.60
N SER B 54 2.69 20.92 -19.91
CA SER B 54 1.36 21.20 -20.46
C SER B 54 1.00 20.41 -21.71
N LYS B 55 1.90 19.59 -22.25
CA LYS B 55 1.60 18.88 -23.50
C LYS B 55 0.78 17.64 -23.21
N ARG B 56 -0.19 17.37 -24.08
CA ARG B 56 -1.07 16.22 -23.92
C ARG B 56 -0.74 15.18 -24.97
N PRO B 57 -0.43 13.93 -24.61
CA PRO B 57 -0.28 12.89 -25.61
C PRO B 57 -1.60 12.64 -26.32
N SER B 58 -1.51 12.06 -27.51
CA SER B 58 -2.71 11.86 -28.32
C SER B 58 -3.69 10.97 -27.56
N GLY B 59 -4.97 11.34 -27.64
CA GLY B 59 -6.02 10.54 -27.03
C GLY B 59 -6.31 10.86 -25.58
N VAL B 60 -5.48 11.67 -24.93
CA VAL B 60 -5.77 12.06 -23.55
C VAL B 60 -6.83 13.14 -23.56
N PRO B 61 -7.91 13.01 -22.79
CA PRO B 61 -9.01 13.98 -22.84
C PRO B 61 -8.54 15.41 -22.57
N ASP B 62 -9.20 16.35 -23.26
CA ASP B 62 -8.90 17.77 -23.09
C ASP B 62 -9.17 18.24 -21.66
N ARG B 63 -9.91 17.46 -20.87
CA ARG B 63 -10.18 17.85 -19.49
C ARG B 63 -8.92 17.83 -18.63
N PHE B 64 -7.87 17.17 -19.09
CA PHE B 64 -6.61 17.12 -18.37
C PHE B 64 -5.70 18.22 -18.90
N SER B 65 -5.21 19.06 -18.00
CA SER B 65 -4.33 20.15 -18.41
C SER B 65 -3.23 20.29 -17.37
N GLY B 66 -2.13 20.89 -17.80
CA GLY B 66 -1.01 21.11 -16.91
C GLY B 66 -0.54 22.54 -16.98
N SER B 67 -0.02 23.02 -15.85
CA SER B 67 0.53 24.37 -15.78
C SER B 67 1.67 24.35 -14.76
N LYS B 68 2.41 25.45 -14.70
CA LYS B 68 3.52 25.54 -13.77
C LYS B 68 3.60 26.95 -13.22
N SER B 69 3.61 27.07 -11.90
CA SER B 69 3.85 28.35 -11.23
C SER B 69 5.34 28.62 -11.20
N GLY B 70 5.86 28.96 -10.03
CA GLY B 70 7.29 29.10 -9.88
C GLY B 70 7.97 27.74 -9.94
N ASN B 71 8.00 27.05 -8.80
CA ASN B 71 8.55 25.70 -8.72
C ASN B 71 7.49 24.67 -8.37
N THR B 72 6.22 24.97 -8.66
CA THR B 72 5.12 24.05 -8.42
C THR B 72 4.39 23.82 -9.73
N ALA B 73 4.42 22.59 -10.20
CA ALA B 73 3.61 22.21 -11.36
C ALA B 73 2.25 21.71 -10.87
N SER B 74 1.27 21.84 -11.74
CA SER B 74 -0.10 21.53 -11.36
C SER B 74 -0.78 20.78 -12.50
N LEU B 75 -1.42 19.68 -12.15
CA LEU B 75 -2.32 18.97 -13.06
C LEU B 75 -3.74 19.35 -12.67
N THR B 76 -4.50 19.85 -13.62
CA THR B 76 -5.90 20.17 -13.39
C THR B 76 -6.77 19.23 -14.21
N ILE B 77 -7.77 18.66 -13.57
CA ILE B 77 -8.78 17.84 -14.23
C ILE B 77 -10.09 18.58 -14.10
N SER B 78 -10.62 19.03 -15.22
CA SER B 78 -11.94 19.64 -15.29
C SER B 78 -12.97 18.54 -15.54
N GLY B 79 -14.21 18.84 -15.18
CA GLY B 79 -15.31 17.92 -15.40
C GLY B 79 -15.01 16.52 -14.92
N LEU B 80 -14.67 16.39 -13.64
CA LEU B 80 -14.27 15.10 -13.08
C LEU B 80 -15.28 14.03 -13.43
N GLN B 81 -14.77 12.89 -13.88
CA GLN B 81 -15.59 11.72 -14.14
C GLN B 81 -15.12 10.59 -13.24
N ALA B 82 -16.05 9.66 -12.98
CA ALA B 82 -15.76 8.52 -12.10
C ALA B 82 -14.49 7.80 -12.51
N GLU B 83 -14.25 7.70 -13.83
CA GLU B 83 -13.09 6.95 -14.31
C GLU B 83 -11.79 7.67 -14.00
N ASP B 84 -11.83 8.94 -13.60
CA ASP B 84 -10.62 9.66 -13.26
C ASP B 84 -10.08 9.29 -11.88
N GLU B 85 -10.86 8.59 -11.06
CA GLU B 85 -10.38 8.17 -9.75
C GLU B 85 -9.25 7.19 -9.95
N ALA B 86 -8.08 7.53 -9.42
CA ALA B 86 -6.86 6.80 -9.74
C ALA B 86 -5.73 7.44 -8.94
N ASP B 87 -4.55 6.83 -8.99
CA ASP B 87 -3.36 7.45 -8.44
C ASP B 87 -2.70 8.29 -9.52
N TYR B 88 -2.14 9.43 -9.13
CA TYR B 88 -1.47 10.31 -10.08
C TYR B 88 -0.07 10.59 -9.58
N TYR B 89 0.91 10.47 -10.47
CA TYR B 89 2.30 10.70 -10.13
C TYR B 89 2.84 11.80 -11.00
N CYS B 90 3.47 12.78 -10.40
CA CYS B 90 4.27 13.67 -11.20
C CYS B 90 5.67 13.11 -11.35
N SER B 91 6.38 13.61 -12.34
CA SER B 91 7.72 13.11 -12.64
C SER B 91 8.52 14.22 -13.29
N ALA B 92 9.84 14.16 -13.11
CA ALA B 92 10.73 15.07 -13.80
C ALA B 92 12.02 14.30 -14.04
N PHE B 93 12.35 14.10 -15.31
CA PHE B 93 13.44 13.19 -15.69
C PHE B 93 13.20 11.86 -15.00
N GLU B 94 14.19 11.27 -14.36
CA GLU B 94 14.01 9.97 -13.75
C GLU B 94 13.32 10.02 -12.40
N TYR B 95 12.99 11.20 -11.87
CA TYR B 95 12.44 11.30 -10.53
C TYR B 95 10.92 11.29 -10.57
N PHE B 96 10.32 10.72 -9.53
CA PHE B 96 8.88 10.66 -9.39
C PHE B 96 8.44 11.30 -8.08
N GLY B 97 7.29 11.96 -8.11
CA GLY B 97 6.61 12.30 -6.88
C GLY B 97 6.09 11.06 -6.19
N GLY B 98 5.65 11.24 -4.94
CA GLY B 98 5.20 10.11 -4.16
C GLY B 98 3.81 9.63 -4.48
N GLY B 99 3.08 10.33 -5.33
CA GLY B 99 1.75 9.90 -5.69
C GLY B 99 0.64 10.58 -4.93
N THR B 100 -0.48 10.81 -5.62
CA THR B 100 -1.68 11.39 -5.04
C THR B 100 -2.84 10.49 -5.39
N LYS B 101 -3.61 10.05 -4.39
CA LYS B 101 -4.84 9.34 -4.67
C LYS B 101 -5.92 10.37 -4.95
N LEU B 102 -6.49 10.34 -6.16
CA LEU B 102 -7.62 11.18 -6.51
C LEU B 102 -8.89 10.36 -6.35
N THR B 103 -9.77 10.83 -5.45
CA THR B 103 -11.07 10.22 -5.25
C THR B 103 -12.13 11.10 -5.90
N VAL B 104 -12.98 10.47 -6.70
CA VAL B 104 -14.15 11.15 -7.24
C VAL B 104 -15.29 10.81 -6.29
N LEU B 105 -15.70 11.79 -5.49
CA LEU B 105 -16.55 11.54 -4.34
C LEU B 105 -17.91 11.01 -4.77
N SER B 106 -18.29 9.86 -4.21
CA SER B 106 -19.60 9.27 -4.50
C SER B 106 -20.42 9.09 -3.25
N GLN B 107 -19.91 9.55 -2.11
CA GLN B 107 -20.63 9.57 -0.85
C GLN B 107 -19.96 10.62 0.03
N PRO B 108 -20.60 11.02 1.13
CA PRO B 108 -19.98 12.05 1.99
C PRO B 108 -18.65 11.56 2.56
N LYS B 109 -17.73 12.50 2.74
CA LYS B 109 -16.50 12.16 3.44
C LYS B 109 -16.83 11.66 4.83
N ALA B 110 -15.98 10.77 5.34
CA ALA B 110 -16.24 10.15 6.63
C ALA B 110 -14.92 9.95 7.36
N ALA B 111 -14.88 10.39 8.62
CA ALA B 111 -13.70 10.26 9.44
C ALA B 111 -13.55 8.81 9.90
N PRO B 112 -12.32 8.38 10.16
CA PRO B 112 -12.11 6.99 10.60
C PRO B 112 -12.67 6.75 11.99
N SER B 113 -13.21 5.55 12.17
CA SER B 113 -13.44 4.96 13.49
C SER B 113 -12.17 4.23 13.88
N VAL B 114 -11.64 4.51 15.05
CA VAL B 114 -10.36 3.95 15.48
C VAL B 114 -10.58 3.21 16.79
N THR B 115 -10.17 1.95 16.83
CA THR B 115 -10.16 1.16 18.03
C THR B 115 -8.75 0.66 18.26
N LEU B 116 -8.21 0.90 19.44
CA LEU B 116 -6.85 0.49 19.79
C LEU B 116 -6.93 -0.53 20.91
N PHE B 117 -6.36 -1.69 20.68
CA PHE B 117 -6.29 -2.74 21.67
C PHE B 117 -4.87 -2.85 22.22
N PRO B 118 -4.75 -3.02 23.52
CA PRO B 118 -3.45 -3.27 24.13
C PRO B 118 -3.04 -4.72 23.95
N PRO B 119 -1.79 -5.08 24.29
CA PRO B 119 -1.40 -6.49 24.27
C PRO B 119 -2.30 -7.30 25.19
N SER B 120 -2.65 -8.50 24.74
CA SER B 120 -3.43 -9.38 25.60
C SER B 120 -2.55 -9.98 26.70
N SER B 121 -3.20 -10.39 27.78
CA SER B 121 -2.50 -11.12 28.82
C SER B 121 -1.78 -12.34 28.25
N GLU B 122 -2.45 -13.09 27.36
CA GLU B 122 -1.82 -14.28 26.77
C GLU B 122 -0.55 -13.92 26.00
N GLU B 123 -0.60 -12.86 25.21
CA GLU B 123 0.60 -12.52 24.44
C GLU B 123 1.72 -12.09 25.37
N LEU B 124 1.40 -11.28 26.38
CA LEU B 124 2.42 -10.87 27.34
C LEU B 124 3.04 -12.09 28.03
N GLN B 125 2.21 -13.08 28.36
CA GLN B 125 2.71 -14.31 28.98
C GLN B 125 3.60 -15.11 28.03
N ALA B 126 3.42 -14.92 26.72
CA ALA B 126 4.29 -15.50 25.70
C ALA B 126 5.49 -14.62 25.39
N ASN B 127 5.75 -13.60 26.22
CA ASN B 127 6.92 -12.75 26.09
C ASN B 127 6.91 -11.88 24.84
N LYS B 128 5.72 -11.52 24.35
CA LYS B 128 5.60 -10.62 23.22
C LYS B 128 4.55 -9.56 23.55
N ALA B 129 4.50 -8.50 22.75
CA ALA B 129 3.49 -7.49 22.97
C ALA B 129 3.16 -6.82 21.65
N THR B 130 1.87 -6.79 21.29
CA THR B 130 1.43 -6.15 20.07
C THR B 130 0.29 -5.20 20.40
N LEU B 131 0.43 -3.94 19.99
CA LEU B 131 -0.68 -3.00 20.02
C LEU B 131 -1.36 -3.04 18.67
N VAL B 132 -2.69 -3.07 18.66
CA VAL B 132 -3.46 -3.27 17.44
C VAL B 132 -4.37 -2.06 17.25
N CYS B 133 -4.16 -1.31 16.17
CA CYS B 133 -4.93 -0.12 15.88
C CYS B 133 -5.76 -0.40 14.64
N LEU B 134 -7.07 -0.47 14.80
CA LEU B 134 -7.99 -0.84 13.74
C LEU B 134 -8.75 0.40 13.32
N ILE B 135 -8.77 0.66 12.02
CA ILE B 135 -9.21 1.93 11.46
C ILE B 135 -10.23 1.62 10.39
N SER B 136 -11.45 2.10 10.53
CA SER B 136 -12.49 1.68 9.61
C SER B 136 -13.40 2.85 9.26
N ASP B 137 -14.21 2.64 8.22
CA ASP B 137 -15.31 3.55 7.89
C ASP B 137 -14.82 4.92 7.42
N PHE B 138 -13.64 5.02 6.84
CA PHE B 138 -13.14 6.31 6.38
C PHE B 138 -13.26 6.47 4.87
N TYR B 139 -13.48 7.70 4.44
CA TYR B 139 -13.61 8.01 3.04
C TYR B 139 -13.28 9.48 2.85
N PRO B 140 -12.41 9.86 1.90
CA PRO B 140 -11.68 9.02 0.95
C PRO B 140 -10.71 8.05 1.63
N GLY B 141 -10.25 7.06 0.87
CA GLY B 141 -9.40 6.02 1.41
C GLY B 141 -7.92 6.34 1.46
N ALA B 142 -7.57 7.31 2.29
CA ALA B 142 -6.18 7.71 2.47
C ALA B 142 -6.02 8.15 3.92
N VAL B 143 -5.11 7.50 4.64
CA VAL B 143 -4.81 7.87 6.01
C VAL B 143 -3.32 7.78 6.21
N THR B 144 -2.84 8.48 7.22
CA THR B 144 -1.50 8.24 7.74
C THR B 144 -1.62 7.89 9.22
N VAL B 145 -0.74 7.02 9.69
CA VAL B 145 -0.78 6.54 11.07
C VAL B 145 0.56 6.83 11.72
N ALA B 146 0.51 7.41 12.92
CA ALA B 146 1.69 7.64 13.72
C ALA B 146 1.44 7.08 15.11
N TRP B 147 2.49 6.60 15.74
CA TRP B 147 2.38 6.08 17.09
C TRP B 147 3.22 6.91 18.04
N LYS B 148 2.79 6.93 19.30
CA LYS B 148 3.52 7.59 20.36
C LYS B 148 3.66 6.66 21.55
N ALA B 149 4.81 6.73 22.21
CA ALA B 149 5.02 6.14 23.53
C ALA B 149 5.08 7.30 24.50
N ASP B 150 4.17 7.30 25.47
CA ASP B 150 3.88 8.52 26.21
C ASP B 150 3.61 9.63 25.22
N SER B 151 4.49 10.63 25.15
CA SER B 151 4.32 11.73 24.21
C SER B 151 5.38 11.79 23.12
N SER B 152 6.19 10.74 22.97
CA SER B 152 7.25 10.80 21.98
C SER B 152 6.96 9.86 20.82
N PRO B 153 7.30 10.27 19.59
CA PRO B 153 7.01 9.43 18.42
C PRO B 153 7.75 8.11 18.48
N VAL B 154 7.10 7.07 17.97
CA VAL B 154 7.68 5.73 17.86
C VAL B 154 7.53 5.30 16.41
N LYS B 155 8.65 4.95 15.78
CA LYS B 155 8.63 4.41 14.43
C LYS B 155 9.10 2.97 14.34
N ALA B 156 10.01 2.55 15.22
CA ALA B 156 10.45 1.17 15.22
C ALA B 156 9.31 0.25 15.63
N GLY B 157 9.21 -0.88 14.95
CA GLY B 157 8.21 -1.87 15.29
C GLY B 157 6.81 -1.59 14.76
N VAL B 158 6.64 -0.59 13.89
CA VAL B 158 5.34 -0.22 13.35
C VAL B 158 5.14 -0.86 11.98
N GLU B 159 3.99 -1.48 11.76
CA GLU B 159 3.60 -1.94 10.44
C GLU B 159 2.18 -1.52 10.18
N THR B 160 1.94 -0.87 9.05
CA THR B 160 0.62 -0.35 8.73
C THR B 160 0.20 -0.85 7.36
N THR B 161 -1.06 -1.24 7.22
CA THR B 161 -1.55 -1.72 5.93
C THR B 161 -1.98 -0.57 5.03
N THR B 162 -2.11 -0.89 3.74
CA THR B 162 -2.78 0.03 2.83
C THR B 162 -4.29 -0.01 3.06
N PRO B 163 -4.99 1.08 2.78
CA PRO B 163 -6.45 1.07 2.92
C PRO B 163 -7.11 0.09 1.96
N SER B 164 -8.20 -0.51 2.44
CA SER B 164 -8.97 -1.43 1.61
C SER B 164 -10.47 -1.13 1.79
N LYS B 165 -11.24 -1.51 0.77
CA LYS B 165 -12.64 -1.12 0.68
C LYS B 165 -13.52 -2.07 1.50
N GLN B 166 -14.43 -1.52 2.30
CA GLN B 166 -15.44 -2.32 2.99
C GLN B 166 -16.77 -2.31 2.22
N SER B 167 -17.68 -3.21 2.62
CA SER B 167 -18.92 -3.39 1.87
C SER B 167 -19.62 -2.08 1.56
N ASN B 168 -19.55 -1.09 2.46
CA ASN B 168 -20.21 0.18 2.24
C ASN B 168 -19.39 1.16 1.39
N ASN B 169 -18.32 0.71 0.76
CA ASN B 169 -17.42 1.47 -0.10
C ASN B 169 -16.59 2.52 0.64
N LYS B 170 -16.67 2.56 1.97
CA LYS B 170 -15.67 3.24 2.76
C LYS B 170 -14.44 2.34 2.88
N TYR B 171 -13.42 2.79 3.62
CA TYR B 171 -12.14 2.12 3.66
C TYR B 171 -11.76 1.72 5.08
N ALA B 172 -10.86 0.75 5.15
CA ALA B 172 -10.33 0.23 6.40
C ALA B 172 -8.83 0.05 6.27
N ALA B 173 -8.15 0.14 7.40
CA ALA B 173 -6.72 -0.11 7.48
C ALA B 173 -6.42 -0.55 8.90
N SER B 174 -5.21 -1.04 9.11
CA SER B 174 -4.81 -1.37 10.47
C SER B 174 -3.33 -1.09 10.62
N SER B 175 -2.93 -0.87 11.85
CA SER B 175 -1.54 -0.63 12.18
C SER B 175 -1.19 -1.38 13.44
N TYR B 176 0.00 -1.96 13.46
CA TYR B 176 0.44 -2.81 14.54
C TYR B 176 1.75 -2.26 15.06
N LEU B 177 1.87 -2.16 16.37
CA LEU B 177 3.11 -1.75 17.00
C LEU B 177 3.62 -2.92 17.83
N SER B 178 4.80 -3.41 17.49
CA SER B 178 5.41 -4.52 18.20
C SER B 178 6.34 -3.97 19.28
N LEU B 179 6.19 -4.49 20.49
CA LEU B 179 7.03 -4.10 21.62
C LEU B 179 7.38 -5.34 22.43
N THR B 180 8.47 -5.21 23.19
CA THR B 180 8.74 -6.15 24.25
C THR B 180 7.78 -5.87 25.41
N PRO B 181 7.45 -6.90 26.21
CA PRO B 181 6.64 -6.65 27.41
C PRO B 181 7.24 -5.58 28.31
N GLU B 182 8.58 -5.53 28.41
CA GLU B 182 9.22 -4.53 29.25
C GLU B 182 8.95 -3.12 28.73
N GLN B 183 9.08 -2.92 27.42
CA GLN B 183 8.76 -1.61 26.84
C GLN B 183 7.30 -1.24 27.09
N TRP B 184 6.39 -2.19 26.90
CA TRP B 184 4.98 -1.92 27.13
C TRP B 184 4.73 -1.49 28.56
N LYS B 185 5.30 -2.21 29.53
CA LYS B 185 5.06 -1.91 30.93
C LYS B 185 5.85 -0.71 31.44
N SER B 186 6.86 -0.24 30.70
CA SER B 186 7.71 0.85 31.21
C SER B 186 7.20 2.24 30.84
N HIS B 187 6.19 2.36 29.99
CA HIS B 187 5.62 3.64 29.64
C HIS B 187 4.25 3.81 30.30
N LYS B 188 3.84 5.07 30.44
CA LYS B 188 2.53 5.34 31.01
C LYS B 188 1.41 5.00 30.02
N SER B 189 1.64 5.23 28.73
CA SER B 189 0.63 4.91 27.73
C SER B 189 1.29 4.83 26.36
N TYR B 190 0.53 4.30 25.42
CA TYR B 190 0.87 4.37 24.01
C TYR B 190 -0.34 4.87 23.26
N SER B 191 -0.11 5.52 22.12
CA SER B 191 -1.18 6.12 21.35
C SER B 191 -1.01 5.81 19.87
N CYS B 192 -2.14 5.55 19.21
CA CYS B 192 -2.22 5.43 17.76
C CYS B 192 -2.98 6.65 17.24
N GLN B 193 -2.36 7.39 16.33
CA GLN B 193 -2.85 8.66 15.81
C GLN B 193 -3.11 8.48 14.33
N VAL B 194 -4.37 8.63 13.91
CA VAL B 194 -4.76 8.45 12.52
C VAL B 194 -5.12 9.80 11.95
N THR B 195 -4.43 10.21 10.89
CA THR B 195 -4.72 11.47 10.20
C THR B 195 -5.47 11.17 8.92
N HIS B 196 -6.58 11.87 8.74
CA HIS B 196 -7.43 11.70 7.59
C HIS B 196 -7.92 13.07 7.22
N GLU B 197 -7.70 13.45 5.96
CA GLU B 197 -8.13 14.73 5.43
C GLU B 197 -7.74 15.89 6.35
N GLY B 198 -6.52 15.82 6.88
CA GLY B 198 -5.92 16.90 7.64
C GLY B 198 -6.29 16.95 9.11
N SER B 199 -7.19 16.08 9.58
CA SER B 199 -7.56 16.04 10.98
C SER B 199 -7.25 14.66 11.56
N THR B 200 -7.12 14.58 12.87
CA THR B 200 -6.56 13.39 13.48
C THR B 200 -7.47 12.87 14.55
N VAL B 201 -7.60 11.55 14.61
CA VAL B 201 -8.23 10.83 15.71
C VAL B 201 -7.16 9.98 16.38
N GLU B 202 -7.01 10.13 17.70
CA GLU B 202 -5.96 9.44 18.42
C GLU B 202 -6.59 8.68 19.56
N LYS B 203 -6.24 7.41 19.68
CA LYS B 203 -6.67 6.57 20.79
C LYS B 203 -5.45 6.20 21.61
N THR B 204 -5.65 6.03 22.92
CA THR B 204 -4.56 5.74 23.82
C THR B 204 -4.93 4.53 24.66
N VAL B 205 -3.91 3.73 24.98
CA VAL B 205 -4.07 2.61 25.91
C VAL B 205 -2.91 2.66 26.89
N ALA B 206 -3.11 2.01 28.03
CA ALA B 206 -2.14 2.04 29.10
C ALA B 206 -2.07 0.66 29.75
N PRO B 207 -0.90 0.27 30.24
CA PRO B 207 -0.81 -1.00 30.99
C PRO B 207 -1.73 -0.98 32.21
N THR B 208 -2.39 -2.12 32.44
CA THR B 208 -3.34 -2.27 33.54
C THR B 208 -3.17 -3.62 34.23
N GLU B 209 -1.96 -3.89 34.72
CA GLU B 209 -1.63 -5.12 35.45
C GLU B 209 -2.07 -6.40 34.73
#